data_3CKV
#
_entry.id   3CKV
#
_cell.length_a   86.967
_cell.length_b   86.967
_cell.length_c   103.932
_cell.angle_alpha   90.00
_cell.angle_beta   90.00
_cell.angle_gamma   90.00
#
_symmetry.space_group_name_H-M   'P 41 21 2'
#
loop_
_entity.id
_entity.type
_entity.pdbx_description
1 polymer 'Putative uncharacterized protein'
2 non-polymer 'SULFATE ION'
3 non-polymer "URIDINE-5'-DIPHOSPHATE"
4 non-polymer GLYCEROL
5 water water
#
_entity_poly.entity_id   1
_entity_poly.type   'polypeptide(L)'
_entity_poly.pdbx_seq_one_letter_code
;MTTSDLVAGELAGDGLRDTRPGDTWLADRSWNRPGWTVAELEAAKAGRTISVVLPALDEEDTIGSVIDSISPLVDGLVDE
LIVLDSGSTDDTEIRAVAAGARVVSREQALPEVPIRPGKGEALWRSLAASRGDIVVFVDSDLINPHPMFVPWLVGPLLTG
DGVHLVKSFYRRPLNVGDAGGGAGATGGGRVTELVARPLLAALRPELGCILQPLGGEYAATRELLTSVPFAPGYGVEIGL
LVDTFDRLGLDAIAQVNLGVREHRNRPLAELGAMSRQVIATLLSRCGIPDSGVGLTQFVADGPEGQSYTQHTWPVSLADR
PPMQAIRPR
;
_entity_poly.pdbx_strand_id   A
#
loop_
_chem_comp.id
_chem_comp.type
_chem_comp.name
_chem_comp.formula
GOL non-polymer GLYCEROL 'C3 H8 O3'
SO4 non-polymer 'SULFATE ION' 'O4 S -2'
UDP RNA linking URIDINE-5'-DIPHOSPHATE 'C9 H14 N2 O12 P2'
#
# COMPACT_ATOMS: atom_id res chain seq x y z
N GLY A 15 16.99 -4.95 19.34
CA GLY A 15 16.30 -4.37 18.04
C GLY A 15 14.88 -4.91 17.86
N LEU A 16 14.73 -5.97 17.02
CA LEU A 16 13.53 -6.81 17.04
C LEU A 16 13.48 -7.73 18.27
N ARG A 17 14.43 -7.53 19.19
CA ARG A 17 14.39 -8.17 20.52
C ARG A 17 13.62 -7.29 21.52
N ASP A 18 13.49 -6.00 21.18
CA ASP A 18 12.75 -5.04 22.00
C ASP A 18 12.09 -3.99 21.10
N THR A 19 10.84 -4.27 20.65
CA THR A 19 10.17 -3.35 19.70
C THR A 19 8.74 -2.95 20.11
N ARG A 20 8.54 -1.48 19.98
CA ARG A 20 7.23 -0.92 20.40
C ARG A 20 6.41 -0.54 19.09
N PRO A 21 5.00 -0.40 19.37
CA PRO A 21 4.16 0.39 18.43
C PRO A 21 4.77 1.84 18.42
N GLY A 22 5.52 2.21 17.33
CA GLY A 22 6.22 3.55 17.28
C GLY A 22 7.65 3.44 16.75
N ASP A 23 8.42 2.31 17.25
CA ASP A 23 9.82 2.05 16.86
C ASP A 23 10.04 1.88 15.37
N THR A 24 11.16 2.45 14.84
CA THR A 24 11.54 2.37 13.41
C THR A 24 12.78 1.50 13.28
N TRP A 25 12.77 0.60 12.30
CA TRP A 25 13.94 -0.19 11.93
C TRP A 25 14.51 0.42 10.66
N LEU A 26 15.78 0.84 10.71
CA LEU A 26 16.45 1.35 9.51
C LEU A 26 17.23 0.26 8.78
N ALA A 27 17.80 0.61 7.62
CA ALA A 27 18.47 -0.35 6.73
C ALA A 27 19.77 -0.93 7.29
N ASP A 28 20.43 -0.17 8.15
CA ASP A 28 21.68 -0.61 8.79
C ASP A 28 21.42 -1.43 10.06
N ARG A 29 20.22 -2.00 10.14
CA ARG A 29 19.74 -2.78 11.30
C ARG A 29 19.73 -2.01 12.63
N SER A 30 19.75 -0.67 12.56
CA SER A 30 19.66 0.18 13.75
C SER A 30 18.22 0.67 13.96
N TRP A 31 17.85 0.85 15.22
CA TRP A 31 16.47 1.22 15.58
C TRP A 31 16.32 2.66 16.09
N ASN A 32 15.08 3.13 16.09
CA ASN A 32 14.73 4.40 16.70
C ASN A 32 13.38 4.28 17.42
N ARG A 33 13.36 4.60 18.72
CA ARG A 33 12.11 4.69 19.48
C ARG A 33 11.78 6.18 19.63
N PRO A 34 10.76 6.66 18.89
CA PRO A 34 10.36 8.08 18.77
C PRO A 34 10.04 8.75 20.10
N GLY A 35 10.57 9.96 20.27
CA GLY A 35 10.33 10.70 21.51
C GLY A 35 9.64 12.07 21.24
N TRP A 36 8.74 12.04 20.18
CA TRP A 36 8.00 13.25 19.78
C TRP A 36 6.50 13.17 20.12
N THR A 37 5.83 14.45 20.09
CA THR A 37 4.35 14.40 20.13
C THR A 37 3.86 14.71 18.71
N VAL A 38 2.66 14.23 18.38
CA VAL A 38 1.97 14.62 17.13
C VAL A 38 2.21 16.11 16.79
N ALA A 39 2.12 16.97 17.81
CA ALA A 39 2.37 18.41 17.68
C ALA A 39 3.80 18.76 17.27
N GLU A 40 4.78 18.06 17.87
CA GLU A 40 6.20 18.23 17.51
C GLU A 40 6.51 17.72 16.09
N LEU A 41 5.76 16.73 15.63
CA LEU A 41 5.90 16.19 14.28
CA LEU A 41 5.91 16.20 14.27
C LEU A 41 5.42 17.21 13.24
N GLU A 42 4.33 17.90 13.59
CA GLU A 42 3.78 18.97 12.76
C GLU A 42 4.80 20.10 12.61
N ALA A 43 5.45 20.48 13.70
CA ALA A 43 6.49 21.51 13.67
C ALA A 43 7.68 21.13 12.81
N ALA A 44 7.93 19.81 12.68
CA ALA A 44 9.05 19.28 11.90
C ALA A 44 8.80 19.28 10.40
N LYS A 45 7.52 19.43 10.01
CA LYS A 45 7.11 19.43 8.61
C LYS A 45 7.91 20.40 7.76
N ALA A 46 8.02 21.65 8.25
CA ALA A 46 8.81 22.70 7.60
C ALA A 46 8.41 22.96 6.15
N GLY A 47 7.15 23.37 5.96
CA GLY A 47 6.63 23.64 4.61
C GLY A 47 6.35 22.42 3.72
N ARG A 48 6.61 21.22 4.23
CA ARG A 48 6.20 19.99 3.56
C ARG A 48 4.74 19.68 3.93
N THR A 49 3.92 19.35 2.92
CA THR A 49 2.52 19.02 3.16
C THR A 49 2.31 17.51 3.20
N ILE A 50 1.26 17.07 3.88
CA ILE A 50 0.97 15.65 4.06
C ILE A 50 -0.42 15.31 3.54
N SER A 51 -0.50 14.35 2.63
CA SER A 51 -1.78 13.83 2.15
C SER A 51 -1.96 12.43 2.70
N VAL A 52 -3.18 12.12 3.12
CA VAL A 52 -3.56 10.73 3.46
C VAL A 52 -4.58 10.25 2.41
N VAL A 53 -4.33 9.05 1.88
CA VAL A 53 -5.16 8.48 0.82
C VAL A 53 -5.67 7.13 1.30
N LEU A 54 -7.00 6.97 1.26
CA LEU A 54 -7.62 5.67 1.57
C LEU A 54 -8.27 5.08 0.30
N PRO A 55 -7.64 4.05 -0.30
CA PRO A 55 -8.25 3.40 -1.46
C PRO A 55 -9.45 2.58 -0.97
N ALA A 56 -10.58 2.68 -1.69
CA ALA A 56 -11.81 2.01 -1.25
C ALA A 56 -12.62 1.43 -2.40
N LEU A 57 -12.85 0.13 -2.35
CA LEU A 57 -13.85 -0.52 -3.19
C LEU A 57 -14.86 -1.24 -2.28
N ASP A 58 -16.07 -0.71 -2.16
CA ASP A 58 -17.16 -1.35 -1.42
C ASP A 58 -16.76 -1.64 0.03
N GLU A 59 -16.53 -0.58 0.80
N GLU A 59 -16.57 -0.56 0.80
CA GLU A 59 -16.07 -0.72 2.19
CA GLU A 59 -16.04 -0.63 2.15
C GLU A 59 -16.91 0.11 3.14
C GLU A 59 -16.92 0.10 3.17
N GLU A 60 -18.23 0.11 2.90
CA GLU A 60 -19.20 0.89 3.69
C GLU A 60 -19.18 0.60 5.19
N ASP A 61 -18.78 -0.62 5.56
CA ASP A 61 -18.85 -1.04 6.96
C ASP A 61 -17.71 -0.47 7.80
N THR A 62 -16.54 -0.34 7.17
CA THR A 62 -15.31 -0.02 7.89
C THR A 62 -14.80 1.40 7.70
N ILE A 63 -15.18 2.04 6.59
CA ILE A 63 -14.53 3.30 6.17
C ILE A 63 -14.75 4.51 7.08
N GLY A 64 -15.90 4.60 7.74
CA GLY A 64 -16.17 5.68 8.68
C GLY A 64 -15.20 5.61 9.84
N SER A 65 -15.09 4.42 10.43
CA SER A 65 -14.12 4.09 11.49
C SER A 65 -12.66 4.46 11.14
N VAL A 66 -12.23 4.11 9.94
CA VAL A 66 -10.86 4.40 9.51
C VAL A 66 -10.63 5.92 9.47
N ILE A 67 -11.57 6.66 8.89
CA ILE A 67 -11.52 8.12 8.81
C ILE A 67 -11.50 8.73 10.22
N ASP A 68 -12.36 8.23 11.10
CA ASP A 68 -12.44 8.72 12.48
C ASP A 68 -11.09 8.65 13.20
N SER A 69 -10.30 7.64 12.87
CA SER A 69 -8.96 7.45 13.44
C SER A 69 -7.96 8.52 12.99
N ILE A 70 -8.13 8.98 11.76
CA ILE A 70 -7.23 9.94 11.11
C ILE A 70 -7.80 11.36 11.19
N SER A 71 -9.12 11.48 11.13
CA SER A 71 -9.89 12.74 11.23
C SER A 71 -9.29 13.87 12.11
N PRO A 72 -8.95 13.59 13.39
CA PRO A 72 -8.41 14.60 14.30
C PRO A 72 -7.09 15.24 13.87
N LEU A 73 -6.40 14.62 12.91
CA LEU A 73 -5.10 15.10 12.45
C LEU A 73 -5.22 16.14 11.32
N VAL A 74 -6.41 16.24 10.73
CA VAL A 74 -6.60 17.13 9.57
C VAL A 74 -6.55 18.61 9.98
N ASP A 75 -5.94 19.43 9.12
CA ASP A 75 -5.62 20.85 9.38
C ASP A 75 -4.51 21.04 10.42
N GLY A 76 -3.98 19.92 10.93
CA GLY A 76 -2.79 19.91 11.78
C GLY A 76 -1.68 19.15 11.06
N LEU A 77 -1.38 17.93 11.52
CA LEU A 77 -0.37 17.09 10.85
C LEU A 77 -0.77 16.76 9.42
N VAL A 78 -2.04 16.46 9.21
CA VAL A 78 -2.53 16.03 7.91
C VAL A 78 -3.17 17.20 7.18
N ASP A 79 -2.71 17.46 5.96
CA ASP A 79 -3.18 18.60 5.20
C ASP A 79 -4.42 18.29 4.39
N GLU A 80 -4.56 17.02 3.98
CA GLU A 80 -5.75 16.57 3.27
C GLU A 80 -5.99 15.06 3.45
N LEU A 81 -7.26 14.70 3.44
CA LEU A 81 -7.67 13.31 3.60
C LEU A 81 -8.63 12.96 2.47
N ILE A 82 -8.19 12.04 1.62
CA ILE A 82 -8.89 11.65 0.42
C ILE A 82 -9.22 10.17 0.44
N VAL A 83 -10.46 9.83 0.16
CA VAL A 83 -10.85 8.46 -0.17
C VAL A 83 -10.86 8.34 -1.70
N LEU A 84 -10.04 7.43 -2.24
CA LEU A 84 -10.05 7.18 -3.67
C LEU A 84 -11.04 6.04 -3.91
N ASP A 85 -12.25 6.42 -4.32
CA ASP A 85 -13.33 5.47 -4.53
C ASP A 85 -13.12 4.79 -5.87
N SER A 86 -12.98 3.47 -5.83
CA SER A 86 -12.58 2.68 -7.00
CA SER A 86 -12.57 2.67 -6.97
C SER A 86 -13.75 1.92 -7.61
N GLY A 87 -14.89 2.60 -7.74
CA GLY A 87 -16.08 2.04 -8.37
C GLY A 87 -17.08 1.42 -7.41
N SER A 88 -17.20 1.99 -6.21
CA SER A 88 -18.11 1.46 -5.19
C SER A 88 -19.57 1.61 -5.58
N THR A 89 -20.31 0.51 -5.42
CA THR A 89 -21.76 0.47 -5.66
C THR A 89 -22.56 0.31 -4.37
N ASP A 90 -21.86 0.25 -3.24
CA ASP A 90 -22.52 0.29 -1.94
C ASP A 90 -22.54 1.71 -1.37
N ASP A 91 -22.61 1.86 -0.05
CA ASP A 91 -22.71 3.18 0.56
C ASP A 91 -21.38 3.81 0.96
N THR A 92 -20.29 3.34 0.35
CA THR A 92 -18.94 3.85 0.69
C THR A 92 -18.80 5.37 0.61
N GLU A 93 -19.21 5.98 -0.50
CA GLU A 93 -19.05 7.43 -0.66
C GLU A 93 -19.81 8.30 0.36
N ILE A 94 -21.11 8.06 0.52
CA ILE A 94 -21.90 8.84 1.47
C ILE A 94 -21.39 8.71 2.91
N ARG A 95 -20.95 7.51 3.29
CA ARG A 95 -20.42 7.24 4.65
C ARG A 95 -19.03 7.85 4.89
N ALA A 96 -18.21 7.93 3.84
CA ALA A 96 -16.91 8.59 3.94
C ALA A 96 -17.05 10.11 4.06
N VAL A 97 -18.02 10.67 3.34
CA VAL A 97 -18.33 12.10 3.40
C VAL A 97 -18.84 12.50 4.79
N ALA A 98 -19.75 11.70 5.34
CA ALA A 98 -20.34 11.97 6.66
C ALA A 98 -19.30 11.83 7.78
N ALA A 99 -18.27 11.04 7.52
CA ALA A 99 -17.15 10.86 8.45
C ALA A 99 -16.16 12.02 8.35
N GLY A 100 -16.18 12.72 7.21
CA GLY A 100 -15.38 13.94 7.07
C GLY A 100 -14.33 13.94 5.98
N ALA A 101 -14.20 12.82 5.26
CA ALA A 101 -13.27 12.72 4.13
C ALA A 101 -13.84 13.23 2.81
N ARG A 102 -12.94 13.70 1.95
CA ARG A 102 -13.28 14.02 0.56
C ARG A 102 -13.17 12.76 -0.31
N VAL A 103 -14.22 12.46 -1.06
CA VAL A 103 -14.21 11.28 -1.93
C VAL A 103 -13.93 11.68 -3.37
N VAL A 104 -12.95 11.01 -3.98
CA VAL A 104 -12.55 11.24 -5.36
C VAL A 104 -12.68 9.92 -6.10
N SER A 105 -13.46 9.89 -7.17
CA SER A 105 -13.56 8.68 -7.97
C SER A 105 -12.33 8.61 -8.85
N ARG A 106 -12.11 7.43 -9.43
CA ARG A 106 -11.00 7.22 -10.35
C ARG A 106 -11.07 8.18 -11.53
N GLU A 107 -12.28 8.37 -12.06
CA GLU A 107 -12.56 9.27 -13.18
C GLU A 107 -12.20 10.70 -12.80
N GLN A 108 -12.66 11.12 -11.63
CA GLN A 108 -12.42 12.47 -11.12
C GLN A 108 -10.95 12.76 -10.89
N ALA A 109 -10.22 11.77 -10.40
CA ALA A 109 -8.79 11.87 -10.11
C ALA A 109 -7.96 12.19 -11.36
N LEU A 110 -8.34 11.60 -12.49
CA LEU A 110 -7.53 11.69 -13.72
C LEU A 110 -8.41 11.44 -14.93
N PRO A 111 -9.28 12.42 -15.28
CA PRO A 111 -10.29 12.30 -16.35
C PRO A 111 -9.74 11.95 -17.75
N GLU A 112 -8.52 12.39 -18.04
CA GLU A 112 -7.96 12.24 -19.39
C GLU A 112 -7.28 10.91 -19.68
N VAL A 113 -7.33 9.96 -18.75
CA VAL A 113 -6.81 8.61 -18.98
C VAL A 113 -7.93 7.61 -18.67
N PRO A 114 -8.21 6.67 -19.60
CA PRO A 114 -9.25 5.66 -19.33
C PRO A 114 -8.91 4.78 -18.13
N ILE A 115 -9.93 4.27 -17.47
CA ILE A 115 -9.71 3.45 -16.28
C ILE A 115 -9.33 2.00 -16.61
N ARG A 116 -8.34 1.47 -15.88
CA ARG A 116 -8.09 0.04 -15.82
C ARG A 116 -8.54 -0.44 -14.44
N PRO A 117 -8.98 -1.71 -14.34
CA PRO A 117 -9.38 -2.19 -12.99
C PRO A 117 -8.17 -2.48 -12.09
N GLY A 118 -8.45 -2.55 -10.78
CA GLY A 118 -7.47 -2.98 -9.77
C GLY A 118 -7.06 -1.88 -8.84
N LYS A 119 -6.51 -2.28 -7.70
CA LYS A 119 -6.04 -1.38 -6.65
C LYS A 119 -4.89 -0.47 -7.12
N GLY A 120 -3.91 -1.02 -7.85
CA GLY A 120 -2.76 -0.21 -8.29
C GLY A 120 -3.19 1.00 -9.09
N GLU A 121 -4.15 0.81 -10.00
CA GLU A 121 -4.78 1.93 -10.71
C GLU A 121 -5.28 3.04 -9.79
N ALA A 122 -5.97 2.66 -8.71
CA ALA A 122 -6.55 3.64 -7.79
C ALA A 122 -5.47 4.46 -7.09
N LEU A 123 -4.43 3.79 -6.60
CA LEU A 123 -3.33 4.46 -5.91
CA LEU A 123 -3.34 4.48 -5.91
C LEU A 123 -2.54 5.38 -6.84
N TRP A 124 -2.30 4.91 -8.05
CA TRP A 124 -1.65 5.71 -9.08
C TRP A 124 -2.44 6.99 -9.35
N ARG A 125 -3.73 6.83 -9.64
CA ARG A 125 -4.62 7.98 -9.83
C ARG A 125 -4.62 8.99 -8.68
N SER A 126 -4.48 8.48 -7.46
CA SER A 126 -4.48 9.32 -6.25
C SER A 126 -3.31 10.29 -6.20
N LEU A 127 -2.20 9.91 -6.86
CA LEU A 127 -1.08 10.84 -7.06
C LEU A 127 -1.53 12.10 -7.78
N ALA A 128 -2.46 11.95 -8.75
CA ALA A 128 -2.99 13.11 -9.47
C ALA A 128 -3.99 13.90 -8.64
N ALA A 129 -4.78 13.19 -7.82
CA ALA A 129 -5.84 13.78 -6.97
C ALA A 129 -5.29 14.50 -5.74
N SER A 130 -4.12 14.07 -5.25
CA SER A 130 -3.55 14.63 -4.02
C SER A 130 -2.49 15.70 -4.29
N ARG A 131 -2.21 16.53 -3.30
CA ARG A 131 -1.25 17.65 -3.44
C ARG A 131 0.02 17.48 -2.58
N GLY A 132 -0.07 16.65 -1.54
CA GLY A 132 0.97 16.50 -0.50
C GLY A 132 2.36 16.13 -0.95
N ASP A 133 3.38 16.73 -0.32
CA ASP A 133 4.79 16.40 -0.56
C ASP A 133 5.08 14.99 -0.08
N ILE A 134 4.32 14.58 0.93
CA ILE A 134 4.35 13.22 1.48
C ILE A 134 2.94 12.64 1.35
N VAL A 135 2.86 11.42 0.84
CA VAL A 135 1.57 10.74 0.75
C VAL A 135 1.58 9.50 1.65
N VAL A 136 0.57 9.40 2.51
CA VAL A 136 0.38 8.23 3.36
C VAL A 136 -0.81 7.43 2.84
N PHE A 137 -0.59 6.13 2.69
CA PHE A 137 -1.61 5.19 2.22
C PHE A 137 -2.05 4.30 3.35
N VAL A 138 -3.35 4.17 3.54
CA VAL A 138 -3.93 3.32 4.59
C VAL A 138 -5.13 2.59 3.98
N ASP A 139 -5.19 1.26 4.13
CA ASP A 139 -6.35 0.51 3.60
C ASP A 139 -7.61 0.89 4.36
N SER A 140 -8.74 0.92 3.64
CA SER A 140 -10.02 1.33 4.21
C SER A 140 -10.78 0.16 4.85
N ASP A 141 -10.21 -1.05 4.77
CA ASP A 141 -10.84 -2.21 5.37
C ASP A 141 -10.26 -2.58 6.75
N LEU A 142 -9.46 -1.68 7.32
CA LEU A 142 -8.86 -1.91 8.64
C LEU A 142 -9.92 -1.86 9.72
N ILE A 143 -9.84 -2.80 10.66
CA ILE A 143 -10.76 -2.82 11.79
C ILE A 143 -10.09 -2.11 12.97
N ASN A 144 -10.67 -0.97 13.35
CA ASN A 144 -10.19 -0.12 14.45
C ASN A 144 -8.71 0.24 14.35
N PRO A 145 -8.33 1.03 13.34
CA PRO A 145 -6.91 1.40 13.27
C PRO A 145 -6.53 2.39 14.38
N HIS A 146 -5.35 2.20 14.96
CA HIS A 146 -4.88 3.07 16.03
C HIS A 146 -4.67 4.48 15.46
N PRO A 147 -5.14 5.52 16.20
CA PRO A 147 -5.02 6.91 15.74
C PRO A 147 -3.57 7.34 15.45
N MET A 148 -2.58 6.64 16.05
CA MET A 148 -1.16 6.95 15.82
C MET A 148 -0.56 6.38 14.52
N PHE A 149 -1.36 5.66 13.74
CA PHE A 149 -0.85 5.04 12.52
C PHE A 149 -0.19 6.06 11.58
N VAL A 150 -0.89 7.15 11.26
CA VAL A 150 -0.35 8.16 10.33
C VAL A 150 0.89 8.87 10.91
N PRO A 151 0.81 9.39 12.16
CA PRO A 151 2.03 9.87 12.82
C PRO A 151 3.21 8.90 12.78
N TRP A 152 2.99 7.63 13.11
CA TRP A 152 4.08 6.63 13.10
C TRP A 152 4.70 6.39 11.72
N LEU A 153 3.85 6.39 10.70
CA LEU A 153 4.27 6.22 9.31
C LEU A 153 5.11 7.37 8.77
N VAL A 154 4.71 8.59 9.11
CA VAL A 154 5.39 9.79 8.59
C VAL A 154 6.63 10.18 9.39
N GLY A 155 6.69 9.73 10.64
CA GLY A 155 7.82 10.00 11.52
C GLY A 155 9.18 10.01 10.83
N PRO A 156 9.61 8.86 10.28
CA PRO A 156 10.91 8.72 9.63
C PRO A 156 11.13 9.57 8.36
N LEU A 157 10.07 10.03 7.72
CA LEU A 157 10.21 10.95 6.58
C LEU A 157 10.54 12.37 7.05
N LEU A 158 9.93 12.77 8.17
CA LEU A 158 10.06 14.12 8.70
C LEU A 158 11.35 14.34 9.47
N THR A 159 11.81 13.31 10.19
CA THR A 159 13.17 13.26 10.73
C THR A 159 14.09 12.83 9.58
N GLY A 160 14.25 13.77 8.63
CA GLY A 160 14.78 13.49 7.29
C GLY A 160 16.23 13.05 7.24
N ASP A 161 16.42 11.77 6.94
CA ASP A 161 17.74 11.19 6.82
C ASP A 161 17.88 10.32 5.56
N GLY A 162 17.33 10.82 4.44
CA GLY A 162 17.41 10.14 3.14
C GLY A 162 16.35 9.06 2.92
N VAL A 163 15.42 8.94 3.86
CA VAL A 163 14.37 7.93 3.80
C VAL A 163 13.24 8.43 2.91
N HIS A 164 12.85 7.62 1.92
CA HIS A 164 11.75 7.98 1.00
C HIS A 164 10.53 7.07 1.08
N LEU A 165 10.67 5.90 1.69
CA LEU A 165 9.57 4.95 1.80
C LEU A 165 9.52 4.34 3.19
N VAL A 166 8.35 4.39 3.81
CA VAL A 166 8.19 3.80 5.13
C VAL A 166 7.18 2.66 5.04
N LYS A 167 7.67 1.44 5.23
CA LYS A 167 6.82 0.26 5.25
C LYS A 167 6.43 -0.06 6.67
N SER A 168 5.25 -0.62 6.87
CA SER A 168 4.84 -1.03 8.20
C SER A 168 4.99 -2.53 8.43
N PHE A 169 5.11 -2.86 9.71
CA PHE A 169 4.90 -4.22 10.17
C PHE A 169 4.04 -4.24 11.44
N TYR A 170 3.38 -5.37 11.64
CA TYR A 170 2.40 -5.56 12.69
C TYR A 170 2.38 -7.02 13.11
N ARG A 171 1.87 -7.25 14.30
CA ARG A 171 1.52 -8.57 14.77
C ARG A 171 0.07 -8.84 14.36
N ARG A 172 -0.16 -10.02 13.78
CA ARG A 172 -1.52 -10.48 13.44
C ARG A 172 -2.30 -10.79 14.72
N PRO A 173 -3.51 -10.22 14.86
CA PRO A 173 -4.21 -10.30 16.14
C PRO A 173 -4.71 -11.70 16.44
N GLY A 189 -0.91 -12.75 5.85
CA GLY A 189 -0.79 -14.17 6.11
C GLY A 189 -0.13 -14.90 4.94
N ARG A 190 -0.87 -15.82 4.33
CA ARG A 190 -0.40 -16.84 3.40
C ARG A 190 0.38 -16.29 2.20
N VAL A 191 -0.21 -15.32 1.52
CA VAL A 191 0.40 -14.82 0.31
C VAL A 191 1.70 -14.10 0.66
N THR A 192 1.73 -13.35 1.76
CA THR A 192 2.96 -12.70 2.20
C THR A 192 4.04 -13.74 2.58
N GLU A 193 3.66 -14.73 3.39
CA GLU A 193 4.62 -15.66 3.98
C GLU A 193 5.18 -16.71 3.02
N LEU A 194 4.31 -17.18 2.14
CA LEU A 194 4.64 -18.25 1.20
C LEU A 194 5.00 -17.77 -0.20
N VAL A 195 4.54 -16.58 -0.61
CA VAL A 195 4.75 -16.11 -1.98
C VAL A 195 5.72 -14.92 -2.05
N ALA A 196 5.31 -13.79 -1.50
CA ALA A 196 6.06 -12.57 -1.57
C ALA A 196 7.43 -12.69 -0.93
N ARG A 197 7.48 -13.14 0.33
CA ARG A 197 8.75 -13.13 1.03
C ARG A 197 9.78 -14.15 0.47
N PRO A 198 9.35 -15.41 0.22
CA PRO A 198 10.30 -16.38 -0.38
C PRO A 198 10.77 -15.94 -1.80
N LEU A 199 9.91 -15.28 -2.57
CA LEU A 199 10.33 -14.83 -3.90
CA LEU A 199 10.31 -14.79 -3.90
C LEU A 199 11.32 -13.66 -3.78
N LEU A 200 11.08 -12.76 -2.81
CA LEU A 200 12.05 -11.69 -2.52
C LEU A 200 13.39 -12.27 -2.06
N ALA A 201 13.37 -13.30 -1.19
CA ALA A 201 14.63 -13.95 -0.79
C ALA A 201 15.42 -14.45 -2.05
N ALA A 202 14.69 -15.00 -3.01
CA ALA A 202 15.27 -15.56 -4.24
C ALA A 202 15.81 -14.50 -5.19
N LEU A 203 15.05 -13.43 -5.34
CA LEU A 203 15.25 -12.45 -6.45
C LEU A 203 15.79 -11.10 -6.00
N ARG A 204 15.48 -10.71 -4.75
CA ARG A 204 15.97 -9.48 -4.14
C ARG A 204 16.35 -9.72 -2.67
N PRO A 205 17.40 -10.54 -2.40
CA PRO A 205 17.71 -11.01 -1.03
C PRO A 205 17.90 -9.85 -0.04
N GLU A 206 18.34 -8.69 -0.51
CA GLU A 206 18.50 -7.53 0.37
C GLU A 206 17.18 -7.11 1.04
N LEU A 207 16.07 -7.40 0.36
CA LEU A 207 14.75 -7.07 0.87
C LEU A 207 14.17 -8.15 1.77
N GLY A 208 15.00 -9.11 2.13
CA GLY A 208 14.59 -10.18 3.02
C GLY A 208 14.26 -9.69 4.43
N CYS A 209 14.74 -8.49 4.79
CA CYS A 209 14.47 -7.85 6.09
CA CYS A 209 14.41 -7.99 6.12
C CYS A 209 13.06 -7.26 6.20
N ILE A 210 12.37 -7.15 5.06
CA ILE A 210 11.01 -6.59 5.03
C ILE A 210 9.99 -7.61 5.55
N LEU A 211 9.42 -7.33 6.71
CA LEU A 211 8.46 -8.23 7.35
C LEU A 211 7.15 -8.37 6.58
N GLN A 212 6.65 -7.26 6.05
CA GLN A 212 5.30 -7.23 5.47
C GLN A 212 5.33 -6.48 4.15
N PRO A 213 5.95 -7.09 3.13
CA PRO A 213 6.11 -6.41 1.84
C PRO A 213 4.79 -6.01 1.16
N LEU A 214 3.70 -6.73 1.43
CA LEU A 214 2.40 -6.49 0.77
C LEU A 214 1.41 -5.54 1.50
N GLY A 215 1.79 -5.08 2.69
CA GLY A 215 0.90 -4.27 3.54
C GLY A 215 0.51 -2.94 2.92
N GLY A 216 -0.71 -2.51 3.21
CA GLY A 216 -1.32 -1.33 2.58
C GLY A 216 -1.12 -0.05 3.36
N GLU A 217 -0.44 -0.15 4.51
CA GLU A 217 -0.11 1.03 5.32
C GLU A 217 1.35 1.38 5.12
N TYR A 218 1.58 2.50 4.45
CA TYR A 218 2.92 2.97 4.12
C TYR A 218 2.89 4.43 3.68
N ALA A 219 4.04 5.08 3.78
CA ALA A 219 4.18 6.47 3.43
C ALA A 219 5.40 6.63 2.54
N ALA A 220 5.33 7.61 1.64
CA ALA A 220 6.41 7.87 0.74
C ALA A 220 6.41 9.33 0.29
N THR A 221 7.53 9.79 -0.26
CA THR A 221 7.60 11.12 -0.83
C THR A 221 6.94 11.15 -2.20
N ARG A 222 6.34 12.30 -2.55
CA ARG A 222 5.82 12.55 -3.89
C ARG A 222 6.94 12.37 -4.93
N GLU A 223 8.13 12.87 -4.61
CA GLU A 223 9.30 12.74 -5.48
C GLU A 223 9.52 11.28 -5.88
N LEU A 224 9.50 10.37 -4.90
CA LEU A 224 9.61 8.95 -5.17
C LEU A 224 8.41 8.44 -5.97
N LEU A 225 7.22 8.68 -5.45
CA LEU A 225 5.96 8.09 -5.96
C LEU A 225 5.65 8.41 -7.44
N THR A 226 5.90 9.65 -7.85
CA THR A 226 5.58 10.13 -9.21
C THR A 226 6.69 9.81 -10.22
N SER A 227 7.81 9.29 -9.74
CA SER A 227 8.96 8.96 -10.58
CA SER A 227 8.94 8.97 -10.62
C SER A 227 9.03 7.47 -10.97
N VAL A 228 8.16 6.65 -10.38
CA VAL A 228 8.15 5.21 -10.63
C VAL A 228 6.86 4.79 -11.29
N PRO A 229 6.92 3.72 -12.10
CA PRO A 229 5.69 3.15 -12.62
C PRO A 229 4.93 2.47 -11.47
N PHE A 230 3.62 2.35 -11.63
CA PHE A 230 2.76 1.66 -10.66
C PHE A 230 2.28 0.36 -11.28
N ALA A 231 2.56 -0.74 -10.57
CA ALA A 231 2.07 -2.06 -10.92
C ALA A 231 0.53 -2.12 -10.79
N PRO A 232 -0.12 -2.98 -11.60
CA PRO A 232 -1.57 -3.11 -11.57
C PRO A 232 -2.07 -4.01 -10.42
N GLY A 233 -3.34 -3.83 -10.05
CA GLY A 233 -4.04 -4.74 -9.14
C GLY A 233 -3.34 -4.96 -7.81
N TYR A 234 -3.24 -6.22 -7.39
CA TYR A 234 -2.60 -6.60 -6.13
C TYR A 234 -1.06 -6.52 -6.16
N GLY A 235 -0.48 -6.11 -7.29
CA GLY A 235 1.00 -5.99 -7.38
C GLY A 235 1.55 -4.66 -6.89
N VAL A 236 0.67 -3.70 -6.61
CA VAL A 236 1.10 -2.31 -6.39
C VAL A 236 2.15 -2.11 -5.26
N GLU A 237 1.86 -2.62 -4.07
CA GLU A 237 2.74 -2.47 -2.91
C GLU A 237 4.11 -3.10 -3.17
N ILE A 238 4.15 -4.33 -3.68
CA ILE A 238 5.43 -5.00 -3.91
C ILE A 238 6.24 -4.35 -5.05
N GLY A 239 5.54 -3.89 -6.09
CA GLY A 239 6.18 -3.17 -7.18
C GLY A 239 6.82 -1.89 -6.66
N LEU A 240 6.13 -1.18 -5.79
CA LEU A 240 6.69 0.05 -5.19
C LEU A 240 7.92 -0.22 -4.32
N LEU A 241 7.83 -1.26 -3.47
CA LEU A 241 8.96 -1.69 -2.66
C LEU A 241 10.20 -1.97 -3.51
N VAL A 242 10.02 -2.77 -4.54
CA VAL A 242 11.15 -3.21 -5.36
C VAL A 242 11.74 -2.05 -6.19
N ASP A 243 10.86 -1.26 -6.80
CA ASP A 243 11.28 -0.04 -7.52
C ASP A 243 12.06 0.92 -6.65
N THR A 244 11.60 1.14 -5.42
CA THR A 244 12.30 1.98 -4.48
C THR A 244 13.69 1.42 -4.19
N PHE A 245 13.75 0.13 -3.84
CA PHE A 245 15.04 -0.53 -3.61
C PHE A 245 15.99 -0.42 -4.82
N ASP A 246 15.50 -0.73 -6.02
CA ASP A 246 16.35 -0.72 -7.22
C ASP A 246 16.91 0.65 -7.53
N ARG A 247 16.08 1.68 -7.29
CA ARG A 247 16.47 3.02 -7.65
CA ARG A 247 16.39 3.06 -7.63
C ARG A 247 17.19 3.79 -6.54
N LEU A 248 16.85 3.51 -5.29
CA LEU A 248 17.42 4.28 -4.18
C LEU A 248 18.21 3.48 -3.16
N GLY A 249 18.17 2.15 -3.28
CA GLY A 249 18.83 1.28 -2.32
C GLY A 249 18.07 1.13 -1.02
N LEU A 250 18.55 0.23 -0.16
CA LEU A 250 17.89 -0.12 1.10
C LEU A 250 17.76 1.04 2.12
N ASP A 251 18.71 1.98 2.08
CA ASP A 251 18.71 3.12 3.00
C ASP A 251 17.50 4.03 2.90
N ALA A 252 16.86 4.03 1.74
CA ALA A 252 15.70 4.89 1.51
C ALA A 252 14.43 4.28 2.09
N ILE A 253 14.57 3.08 2.66
CA ILE A 253 13.43 2.30 3.15
C ILE A 253 13.56 2.06 4.65
N ALA A 254 12.55 2.49 5.39
CA ALA A 254 12.45 2.18 6.81
C ALA A 254 11.21 1.35 7.01
N GLN A 255 11.10 0.74 8.18
CA GLN A 255 9.90 0.00 8.59
C GLN A 255 9.46 0.49 9.98
N VAL A 256 8.16 0.68 10.24
CA VAL A 256 7.72 1.01 11.61
CA VAL A 256 7.72 1.00 11.61
C VAL A 256 6.77 -0.04 12.18
N ASN A 257 7.05 -0.42 13.43
CA ASN A 257 6.16 -1.28 14.18
C ASN A 257 4.84 -0.55 14.45
N LEU A 258 3.78 -1.15 13.93
CA LEU A 258 2.44 -0.56 14.02
C LEU A 258 1.63 -1.37 15.00
N GLY A 259 2.27 -2.43 15.56
CA GLY A 259 1.71 -3.10 16.75
C GLY A 259 0.78 -4.26 16.38
N VAL A 260 -0.36 -4.36 17.07
CA VAL A 260 -1.34 -5.38 16.68
C VAL A 260 -2.28 -4.76 15.64
N ARG A 261 -2.24 -5.22 14.40
CA ARG A 261 -3.08 -4.62 13.33
C ARG A 261 -4.16 -5.57 12.83
N GLU A 262 -5.41 -5.13 12.90
CA GLU A 262 -6.55 -5.92 12.48
C GLU A 262 -7.15 -5.46 11.13
N HIS A 263 -7.42 -6.42 10.25
CA HIS A 263 -8.15 -6.18 8.99
C HIS A 263 -9.19 -7.29 8.73
N ARG A 264 -9.95 -7.14 7.64
CA ARG A 264 -11.00 -8.11 7.28
C ARG A 264 -10.40 -9.43 6.81
N ASN A 265 -11.08 -10.54 7.12
CA ASN A 265 -10.72 -11.87 6.60
C ASN A 265 -10.60 -11.86 5.08
N ARG A 266 -9.44 -12.21 4.56
CA ARG A 266 -9.26 -12.31 3.11
C ARG A 266 -9.91 -13.60 2.60
N PRO A 267 -11.03 -13.49 1.82
CA PRO A 267 -11.69 -14.73 1.37
C PRO A 267 -10.66 -15.61 0.69
N LEU A 268 -10.68 -16.90 1.01
CA LEU A 268 -9.61 -17.79 0.61
C LEU A 268 -9.63 -18.03 -0.90
N ALA A 269 -10.80 -17.87 -1.52
CA ALA A 269 -10.96 -18.09 -2.95
C ALA A 269 -10.07 -17.21 -3.81
N GLU A 270 -9.87 -15.95 -3.39
CA GLU A 270 -9.13 -14.96 -4.21
C GLU A 270 -7.59 -14.99 -4.13
N LEU A 271 -7.06 -15.79 -3.20
CA LEU A 271 -5.65 -15.77 -2.86
C LEU A 271 -4.74 -16.27 -3.98
N GLY A 272 -5.22 -17.25 -4.75
CA GLY A 272 -4.48 -17.71 -5.94
C GLY A 272 -4.24 -16.59 -6.94
N ALA A 273 -5.31 -15.82 -7.21
CA ALA A 273 -5.23 -14.67 -8.16
C ALA A 273 -4.25 -13.60 -7.63
N MET A 274 -4.30 -13.37 -6.33
CA MET A 274 -3.44 -12.41 -5.68
C MET A 274 -1.96 -12.84 -5.80
N SER A 275 -1.69 -14.11 -5.49
CA SER A 275 -0.35 -14.65 -5.63
CA SER A 275 -0.35 -14.67 -5.63
C SER A 275 0.17 -14.53 -7.08
N ARG A 276 -0.65 -14.97 -8.03
CA ARG A 276 -0.31 -14.89 -9.46
C ARG A 276 0.10 -13.45 -9.88
N GLN A 277 -0.63 -12.45 -9.41
CA GLN A 277 -0.35 -11.04 -9.70
C GLN A 277 0.92 -10.52 -8.97
N VAL A 278 1.08 -10.89 -7.70
CA VAL A 278 2.32 -10.61 -6.99
C VAL A 278 3.52 -11.20 -7.77
N ILE A 279 3.38 -12.45 -8.21
CA ILE A 279 4.41 -13.13 -9.03
C ILE A 279 4.71 -12.34 -10.33
N ALA A 280 3.65 -12.02 -11.08
CA ALA A 280 3.77 -11.25 -12.33
C ALA A 280 4.56 -9.92 -12.14
N THR A 281 4.16 -9.16 -11.12
CA THR A 281 4.77 -7.87 -10.81
C THR A 281 6.27 -8.02 -10.43
N LEU A 282 6.56 -8.97 -9.53
CA LEU A 282 7.96 -9.19 -9.11
CA LEU A 282 7.94 -9.26 -9.11
C LEU A 282 8.85 -9.67 -10.27
N LEU A 283 8.37 -10.63 -11.05
CA LEU A 283 9.13 -11.13 -12.21
C LEU A 283 9.44 -9.96 -13.15
N SER A 284 8.43 -9.14 -13.45
CA SER A 284 8.60 -8.01 -14.34
CA SER A 284 8.59 -7.99 -14.34
C SER A 284 9.61 -6.97 -13.80
N ARG A 285 9.62 -6.73 -12.48
CA ARG A 285 10.59 -5.82 -11.86
C ARG A 285 12.00 -6.42 -11.99
N CYS A 286 12.07 -7.75 -12.02
CA CYS A 286 13.35 -8.46 -11.99
C CYS A 286 13.91 -8.77 -13.37
N GLY A 287 13.18 -8.34 -14.41
CA GLY A 287 13.63 -8.54 -15.78
C GLY A 287 13.33 -9.91 -16.33
N ILE A 288 12.44 -10.66 -15.69
CA ILE A 288 12.13 -12.03 -16.12
C ILE A 288 10.78 -12.01 -16.85
N PRO A 289 10.74 -12.54 -18.09
CA PRO A 289 9.49 -12.61 -18.88
C PRO A 289 8.43 -13.44 -18.15
N ASP A 290 7.26 -12.85 -17.97
CA ASP A 290 6.10 -13.54 -17.43
C ASP A 290 5.23 -13.90 -18.63
N SER A 291 4.71 -15.11 -18.67
CA SER A 291 3.85 -15.56 -19.78
C SER A 291 2.60 -14.68 -20.01
N GLY A 292 2.15 -14.00 -18.95
CA GLY A 292 0.87 -13.25 -19.01
C GLY A 292 -0.34 -14.16 -18.96
N VAL A 293 -0.10 -15.44 -18.70
CA VAL A 293 -1.16 -16.43 -18.64
C VAL A 293 -1.71 -16.52 -17.19
N GLY A 294 -3.02 -16.28 -17.03
CA GLY A 294 -3.66 -16.34 -15.72
C GLY A 294 -3.62 -17.70 -15.05
N LEU A 295 -3.69 -17.72 -13.72
CA LEU A 295 -3.90 -18.94 -12.97
C LEU A 295 -5.28 -19.53 -13.29
N THR A 296 -5.29 -20.80 -13.66
CA THR A 296 -6.53 -21.57 -13.76
C THR A 296 -6.61 -22.41 -12.48
N GLN A 297 -7.64 -22.15 -11.70
CA GLN A 297 -7.94 -22.95 -10.51
C GLN A 297 -8.96 -24.03 -10.83
N PHE A 298 -8.77 -25.22 -10.26
CA PHE A 298 -9.74 -26.31 -10.44
C PHE A 298 -10.44 -26.53 -9.13
N VAL A 299 -11.69 -26.11 -9.06
CA VAL A 299 -12.52 -26.25 -7.86
C VAL A 299 -13.40 -27.51 -7.93
N ALA A 300 -13.15 -28.45 -7.03
CA ALA A 300 -14.00 -29.64 -6.92
C ALA A 300 -15.45 -29.20 -6.76
N ASP A 301 -16.33 -29.81 -7.54
CA ASP A 301 -17.74 -29.45 -7.55
C ASP A 301 -18.51 -30.15 -6.44
N GLY A 302 -17.95 -31.27 -6.00
CA GLY A 302 -18.53 -32.11 -4.96
C GLY A 302 -17.49 -32.87 -4.14
N PRO A 303 -17.95 -33.64 -3.14
CA PRO A 303 -17.10 -34.35 -2.15
C PRO A 303 -16.24 -35.45 -2.78
N GLU A 304 -16.82 -36.13 -3.77
CA GLU A 304 -16.18 -37.23 -4.53
C GLU A 304 -15.01 -36.81 -5.48
N GLY A 305 -14.90 -35.50 -5.76
CA GLY A 305 -13.97 -35.00 -6.77
C GLY A 305 -14.33 -35.53 -8.16
N GLN A 306 -15.62 -35.63 -8.44
CA GLN A 306 -16.13 -36.22 -9.68
C GLN A 306 -16.22 -35.23 -10.84
N SER A 307 -16.17 -33.94 -10.51
CA SER A 307 -16.06 -32.89 -11.53
C SER A 307 -15.45 -31.64 -10.93
N TYR A 308 -14.80 -30.87 -11.78
CA TYR A 308 -14.15 -29.65 -11.35
C TYR A 308 -14.64 -28.47 -12.18
N THR A 309 -14.83 -27.34 -11.52
CA THR A 309 -15.08 -26.07 -12.19
C THR A 309 -13.71 -25.42 -12.45
N GLN A 310 -13.49 -25.07 -13.72
CA GLN A 310 -12.25 -24.41 -14.15
CA GLN A 310 -12.25 -24.42 -14.13
C GLN A 310 -12.46 -22.89 -14.10
N HIS A 311 -11.67 -22.23 -13.27
CA HIS A 311 -11.82 -20.82 -13.04
C HIS A 311 -10.47 -20.08 -13.24
N THR A 312 -10.43 -19.25 -14.27
CA THR A 312 -9.21 -18.54 -14.68
C THR A 312 -9.32 -17.05 -14.36
N TRP A 313 -8.48 -16.62 -13.44
CA TRP A 313 -8.42 -15.27 -12.98
C TRP A 313 -7.52 -14.47 -13.94
N PRO A 314 -7.81 -13.18 -14.15
CA PRO A 314 -6.96 -12.34 -15.00
C PRO A 314 -5.65 -11.98 -14.30
N VAL A 315 -4.59 -11.87 -15.08
CA VAL A 315 -3.36 -11.29 -14.56
C VAL A 315 -2.95 -10.13 -15.46
N SER A 316 -2.38 -9.07 -14.88
CA SER A 316 -1.94 -7.95 -15.70
C SER A 316 -0.42 -7.75 -15.62
N LEU A 317 0.18 -7.58 -16.81
CA LEU A 317 1.59 -7.25 -16.92
C LEU A 317 1.79 -5.76 -17.23
N ALA A 318 0.71 -5.00 -17.24
CA ALA A 318 0.76 -3.61 -17.68
C ALA A 318 0.87 -2.67 -16.49
N ASP A 319 2.04 -2.05 -16.29
CA ASP A 319 2.19 -0.95 -15.36
C ASP A 319 1.48 0.29 -15.90
N ARG A 320 1.24 1.24 -15.00
CA ARG A 320 1.08 2.63 -15.40
C ARG A 320 2.46 3.33 -15.32
N PRO A 321 2.70 4.33 -16.22
CA PRO A 321 4.01 4.98 -16.22
C PRO A 321 4.15 5.92 -15.03
N PRO A 322 5.39 6.39 -14.77
CA PRO A 322 5.52 7.40 -13.72
C PRO A 322 4.49 8.53 -13.92
N MET A 323 3.85 8.96 -12.84
CA MET A 323 2.87 10.06 -12.94
C MET A 323 3.49 11.32 -13.58
N GLN A 324 4.81 11.49 -13.41
CA GLN A 324 5.56 12.60 -14.05
C GLN A 324 5.43 12.64 -15.57
N ALA A 325 5.18 11.49 -16.18
CA ALA A 325 5.02 11.37 -17.62
C ALA A 325 3.61 11.73 -18.08
N ILE A 326 2.71 11.98 -17.13
CA ILE A 326 1.28 12.15 -17.42
C ILE A 326 0.76 13.47 -16.86
N ARG A 327 0.95 13.65 -15.55
CA ARG A 327 0.60 14.87 -14.83
C ARG A 327 1.83 15.37 -14.10
N PRO A 328 2.81 15.95 -14.82
CA PRO A 328 4.02 16.40 -14.11
C PRO A 328 3.73 17.56 -13.16
N ARG A 329 4.51 17.64 -12.09
CA ARG A 329 4.51 18.81 -11.22
C ARG A 329 5.61 19.74 -11.71
S SO4 B . -5.57 2.94 -21.30
O1 SO4 B . -5.00 1.59 -21.59
O2 SO4 B . -6.47 2.83 -20.14
O3 SO4 B . -4.61 4.01 -21.02
O4 SO4 B . -6.36 3.21 -22.51
N1 UDP C . -9.23 -1.58 -3.16
C2 UDP C . -9.41 -0.54 -4.09
N3 UDP C . -9.61 -0.82 -5.43
C4 UDP C . -9.65 -2.13 -5.88
C5 UDP C . -9.47 -3.19 -4.98
C6 UDP C . -9.12 -2.88 -3.64
O2 UDP C . -9.39 0.65 -3.75
O4 UDP C . -9.86 -2.31 -7.10
C1' UDP C . -9.00 -1.27 -1.72
C2' UDP C . -9.92 -2.06 -0.79
O2' UDP C . -11.18 -1.44 -0.58
C3' UDP C . -9.09 -2.16 0.49
C4' UDP C . -7.66 -2.27 -0.04
O4' UDP C . -7.68 -1.65 -1.33
O3' UDP C . -9.14 -0.97 1.24
C5' UDP C . -7.18 -3.73 -0.11
O5' UDP C . -8.04 -4.49 -0.95
PA UDP C . -8.20 -6.10 -0.85
O1A UDP C . -9.00 -6.62 -2.02
O2A UDP C . -8.83 -6.49 0.43
O3A UDP C . -6.66 -6.59 -0.90
C1 GOL D . -5.15 -17.33 6.90
O1 GOL D . -4.24 -18.37 7.17
C2 GOL D . -4.29 -16.08 6.73
O2 GOL D . -3.13 -16.36 7.45
C3 GOL D . -3.96 -15.91 5.22
O3 GOL D . -4.70 -14.90 4.56
C1 GOL E . -2.19 -10.47 3.14
O1 GOL E . -1.15 -9.87 2.39
C2 GOL E . -1.88 -11.94 3.18
O2 GOL E . -0.52 -11.92 2.89
C3 GOL E . -2.63 -12.59 2.03
O3 GOL E . -2.74 -14.00 2.23
#